data_9R7B
#
_entry.id   9R7B
#
_cell.length_a   46.340
_cell.length_b   61.330
_cell.length_c   42.670
_cell.angle_alpha   90.000
_cell.angle_beta   101.950
_cell.angle_gamma   90.000
#
_symmetry.space_group_name_H-M   'C 1 2 1'
#
loop_
_entity.id
_entity.type
_entity.pdbx_description
1 polymer Crn4b
2 water water
#
_entity_poly.entity_id   1
_entity_poly.type   'polypeptide(L)'
_entity_poly.pdbx_seq_one_letter_code
;GANAMAMASLINLTPHDVTVFDGDTPIASWPASGTFARIMEDVAAPAPMDTDQGFVPVSQVRYADTVDGLPGKVSGTAYL
VSRVLAAAVPRDDLYFPLDEVRDATGRIIGCRALGQFDHSHTEERGDA
;
_entity_poly.pdbx_strand_id   A
#
# COMPACT_ATOMS: atom_id res chain seq x y z
N ALA A 6 11.36 15.37 15.79
CA ALA A 6 12.13 15.94 14.65
C ALA A 6 12.34 14.85 13.60
N MET A 7 13.51 14.19 13.59
CA MET A 7 13.84 13.28 12.50
C MET A 7 13.17 11.93 12.75
N ALA A 8 12.76 11.29 11.66
CA ALA A 8 12.16 9.98 11.73
C ALA A 8 12.80 9.10 10.66
N SER A 9 12.80 7.79 10.91
N SER A 9 12.79 7.79 10.96
CA SER A 9 13.10 6.88 9.83
CA SER A 9 13.09 6.73 10.01
C SER A 9 11.83 6.16 9.43
C SER A 9 11.77 6.22 9.44
N LEU A 10 11.77 5.81 8.16
CA LEU A 10 10.61 5.14 7.57
C LEU A 10 11.02 3.74 7.18
N ILE A 11 10.17 2.76 7.52
CA ILE A 11 10.31 1.38 7.09
C ILE A 11 9.28 1.11 6.00
N ASN A 12 9.74 0.49 4.90
CA ASN A 12 8.92 0.24 3.73
C ASN A 12 8.23 -1.12 3.87
N LEU A 13 6.92 -1.06 4.08
CA LEU A 13 6.06 -2.23 4.23
C LEU A 13 5.22 -2.47 2.97
N THR A 14 5.78 -2.10 1.82
CA THR A 14 5.14 -2.37 0.54
C THR A 14 6.00 -3.37 -0.24
N PRO A 15 5.46 -4.01 -1.31
CA PRO A 15 6.24 -4.97 -2.08
C PRO A 15 7.34 -4.39 -2.96
N HIS A 16 7.45 -3.06 -3.05
CA HIS A 16 8.42 -2.45 -3.95
C HIS A 16 9.23 -1.38 -3.22
N ASP A 17 10.48 -1.18 -3.66
CA ASP A 17 11.25 -0.04 -3.21
C ASP A 17 10.43 1.23 -3.44
N VAL A 18 10.54 2.18 -2.52
CA VAL A 18 9.91 3.48 -2.67
C VAL A 18 11.01 4.52 -2.83
N THR A 19 10.96 5.28 -3.93
CA THR A 19 11.95 6.30 -4.23
C THR A 19 11.22 7.59 -4.55
N VAL A 20 11.58 8.67 -3.83
CA VAL A 20 11.03 9.99 -4.08
C VAL A 20 11.99 10.72 -5.00
N PHE A 21 11.43 11.25 -6.09
CA PHE A 21 12.18 12.00 -7.08
C PHE A 21 11.88 13.48 -6.95
N ASP A 22 12.94 14.29 -7.00
CA ASP A 22 12.85 15.71 -7.20
C ASP A 22 13.39 15.93 -8.62
N GLY A 23 12.50 16.21 -9.57
CA GLY A 23 12.87 16.12 -10.96
C GLY A 23 13.38 14.72 -11.29
N ASP A 24 14.60 14.64 -11.82
CA ASP A 24 15.18 13.37 -12.21
C ASP A 24 16.08 12.79 -11.12
N THR A 25 16.13 13.45 -9.96
CA THR A 25 17.07 13.10 -8.91
C THR A 25 16.33 12.39 -7.79
N PRO A 26 16.73 11.15 -7.43
N PRO A 26 16.60 11.09 -7.54
CA PRO A 26 16.13 10.48 -6.28
CA PRO A 26 16.21 10.50 -6.27
C PRO A 26 16.66 11.05 -4.96
C PRO A 26 16.71 11.34 -5.10
N ILE A 27 15.81 11.72 -4.20
CA ILE A 27 16.21 12.44 -3.00
C ILE A 27 16.01 11.59 -1.74
N ALA A 28 15.35 10.44 -1.86
CA ALA A 28 15.13 9.53 -0.74
C ALA A 28 14.71 8.19 -1.32
N SER A 29 15.15 7.11 -0.71
CA SER A 29 14.73 5.79 -1.14
C SER A 29 14.70 4.85 0.06
N TRP A 30 13.70 3.98 0.09
CA TRP A 30 13.55 3.00 1.15
C TRP A 30 13.34 1.65 0.51
N PRO A 31 14.23 0.68 0.80
CA PRO A 31 14.11 -0.64 0.21
C PRO A 31 12.91 -1.40 0.75
N ALA A 32 12.27 -2.23 -0.08
CA ALA A 32 11.24 -3.11 0.43
C ALA A 32 11.82 -3.93 1.57
N SER A 33 11.11 -3.96 2.71
CA SER A 33 11.61 -4.64 3.90
C SER A 33 11.44 -6.16 3.80
N GLY A 34 10.55 -6.60 2.89
CA GLY A 34 10.15 -7.99 2.79
C GLY A 34 8.81 -8.26 3.50
N THR A 35 8.38 -7.32 4.36
CA THR A 35 7.12 -7.41 5.06
C THR A 35 6.12 -6.52 4.33
N PHE A 36 4.94 -7.07 4.05
CA PHE A 36 3.90 -6.35 3.31
C PHE A 36 2.74 -6.12 4.26
N ALA A 37 2.58 -4.88 4.71
CA ALA A 37 1.50 -4.53 5.61
C ALA A 37 0.19 -4.59 4.84
N ARG A 38 -0.74 -5.42 5.32
CA ARG A 38 -2.00 -5.60 4.62
C ARG A 38 -3.01 -6.22 5.58
N ILE A 39 -4.29 -6.00 5.28
CA ILE A 39 -5.36 -6.70 5.95
C ILE A 39 -5.53 -8.02 5.20
N MET A 40 -5.29 -9.14 5.88
N MET A 40 -5.28 -9.13 5.89
CA MET A 40 -5.32 -10.44 5.24
CA MET A 40 -5.28 -10.44 5.25
C MET A 40 -6.74 -10.79 4.81
C MET A 40 -6.71 -10.81 4.85
N GLU A 41 -6.82 -11.58 3.74
N GLU A 41 -6.80 -11.64 3.80
CA GLU A 41 -8.09 -11.92 3.14
CA GLU A 41 -8.09 -11.94 3.22
C GLU A 41 -8.23 -13.43 2.99
C GLU A 41 -8.23 -13.44 2.99
N ASP A 42 -9.48 -13.85 2.84
CA ASP A 42 -9.83 -15.22 2.52
C ASP A 42 -10.82 -15.13 1.37
N VAL A 43 -10.38 -15.60 0.19
CA VAL A 43 -11.18 -15.54 -1.02
C VAL A 43 -11.88 -16.87 -1.19
N ALA A 44 -13.22 -16.84 -1.13
CA ALA A 44 -14.00 -18.05 -1.29
C ALA A 44 -13.98 -18.47 -2.75
N ALA A 45 -14.26 -19.76 -3.01
CA ALA A 45 -14.42 -20.24 -4.37
C ALA A 45 -15.53 -19.46 -5.05
N PRO A 46 -15.40 -19.13 -6.35
CA PRO A 46 -16.42 -18.36 -7.03
C PRO A 46 -17.76 -19.08 -7.12
N ALA A 47 -18.85 -18.31 -6.96
CA ALA A 47 -20.20 -18.74 -7.25
C ALA A 47 -20.68 -17.96 -8.47
N PRO A 48 -21.63 -18.53 -9.24
CA PRO A 48 -22.09 -17.85 -10.44
C PRO A 48 -23.08 -16.73 -10.15
N MET A 49 -22.88 -15.61 -10.84
CA MET A 49 -23.84 -14.52 -10.85
C MET A 49 -24.42 -14.41 -12.25
N ASP A 50 -25.75 -14.31 -12.32
CA ASP A 50 -26.46 -14.19 -13.57
C ASP A 50 -26.45 -12.74 -14.01
N THR A 51 -25.78 -12.46 -15.13
CA THR A 51 -25.73 -11.10 -15.65
C THR A 51 -26.23 -11.10 -17.08
N ASP A 52 -26.45 -9.91 -17.62
N ASP A 52 -26.44 -9.91 -17.63
CA ASP A 52 -26.82 -9.77 -19.01
CA ASP A 52 -26.84 -9.78 -19.03
C ASP A 52 -25.71 -10.31 -19.90
C ASP A 52 -25.68 -10.15 -19.96
N GLN A 53 -24.47 -10.27 -19.40
CA GLN A 53 -23.29 -10.74 -20.13
C GLN A 53 -23.14 -12.27 -20.04
N GLY A 54 -24.00 -12.94 -19.27
CA GLY A 54 -23.90 -14.38 -19.04
C GLY A 54 -23.55 -14.66 -17.58
N PHE A 55 -23.22 -15.92 -17.29
CA PHE A 55 -22.85 -16.32 -15.94
C PHE A 55 -21.42 -15.83 -15.69
N VAL A 56 -21.22 -15.16 -14.56
CA VAL A 56 -19.92 -14.59 -14.20
C VAL A 56 -19.52 -15.15 -12.84
N PRO A 57 -18.25 -15.59 -12.68
CA PRO A 57 -17.77 -16.03 -11.37
C PRO A 57 -17.56 -14.86 -10.42
N VAL A 58 -18.13 -14.97 -9.22
CA VAL A 58 -17.99 -13.97 -8.19
C VAL A 58 -17.53 -14.66 -6.92
N SER A 59 -16.39 -14.19 -6.38
CA SER A 59 -15.89 -14.69 -5.10
C SER A 59 -16.20 -13.70 -3.99
N GLN A 60 -16.73 -14.21 -2.87
CA GLN A 60 -16.79 -13.46 -1.64
C GLN A 60 -15.40 -13.37 -1.03
N VAL A 61 -15.04 -12.17 -0.60
CA VAL A 61 -13.74 -11.92 0.00
C VAL A 61 -13.97 -11.44 1.43
N ARG A 62 -13.49 -12.25 2.39
CA ARG A 62 -13.55 -11.91 3.80
C ARG A 62 -12.19 -11.33 4.21
N TYR A 63 -12.21 -10.39 5.15
N TYR A 63 -12.20 -10.31 5.08
CA TYR A 63 -11.00 -9.75 5.60
CA TYR A 63 -11.00 -9.69 5.61
C TYR A 63 -10.89 -9.88 7.12
C TYR A 63 -10.89 -9.94 7.11
N ALA A 64 -9.65 -9.97 7.58
CA ALA A 64 -9.35 -10.01 8.99
C ALA A 64 -9.71 -8.70 9.69
N ASP A 65 -9.83 -8.79 11.02
CA ASP A 65 -10.10 -7.63 11.86
C ASP A 65 -8.83 -6.91 12.31
N THR A 66 -7.65 -7.47 12.04
CA THR A 66 -6.38 -6.83 12.35
C THR A 66 -5.59 -6.66 11.06
N VAL A 67 -4.51 -5.89 11.16
CA VAL A 67 -3.57 -5.70 10.07
C VAL A 67 -2.39 -6.63 10.34
N ASP A 68 -1.92 -7.30 9.29
CA ASP A 68 -0.71 -8.09 9.34
C ASP A 68 0.45 -7.28 8.78
N GLY A 69 1.63 -7.40 9.40
CA GLY A 69 2.84 -6.80 8.87
C GLY A 69 2.96 -5.31 9.17
N LEU A 70 2.14 -4.78 10.08
CA LEU A 70 2.18 -3.37 10.44
C LEU A 70 2.66 -3.27 11.89
N PRO A 71 3.91 -2.80 12.14
CA PRO A 71 4.41 -2.66 13.50
C PRO A 71 3.64 -1.62 14.30
N GLY A 72 3.89 -1.65 15.59
CA GLY A 72 3.28 -0.71 16.51
C GLY A 72 3.93 0.67 16.41
N LYS A 73 3.14 1.69 16.73
CA LYS A 73 3.59 3.07 16.74
C LYS A 73 4.69 3.24 17.77
N VAL A 74 5.67 4.07 17.41
CA VAL A 74 6.75 4.46 18.29
C VAL A 74 7.22 5.85 17.90
N SER A 75 7.80 6.59 18.84
CA SER A 75 8.39 7.88 18.53
C SER A 75 9.65 7.69 17.68
N GLY A 76 9.68 8.31 16.49
CA GLY A 76 10.89 8.38 15.69
C GLY A 76 10.95 7.39 14.53
N THR A 77 9.96 6.51 14.40
CA THR A 77 9.90 5.57 13.28
C THR A 77 8.47 5.61 12.74
N ALA A 78 8.34 5.62 11.41
CA ALA A 78 7.02 5.58 10.80
C ALA A 78 7.09 4.64 9.59
N TYR A 79 5.95 4.46 8.92
CA TYR A 79 5.79 3.31 8.05
C TYR A 79 5.28 3.76 6.69
N LEU A 80 5.93 3.25 5.64
CA LEU A 80 5.46 3.39 4.27
C LEU A 80 4.61 2.18 3.97
N VAL A 81 3.36 2.45 3.63
CA VAL A 81 2.38 1.42 3.37
C VAL A 81 1.66 1.73 2.06
N SER A 82 0.87 0.76 1.61
CA SER A 82 0.00 0.96 0.46
C SER A 82 -1.00 2.07 0.77
N ARG A 83 -1.39 2.79 -0.26
CA ARG A 83 -2.43 3.79 -0.09
C ARG A 83 -3.72 3.16 0.42
N VAL A 84 -4.05 1.96 -0.07
CA VAL A 84 -5.25 1.28 0.37
C VAL A 84 -5.23 0.97 1.87
N LEU A 85 -4.08 0.56 2.41
CA LEU A 85 -4.01 0.31 3.84
C LEU A 85 -4.15 1.62 4.61
N ALA A 86 -3.44 2.67 4.17
CA ALA A 86 -3.46 3.95 4.85
C ALA A 86 -4.89 4.48 4.93
N ALA A 87 -5.68 4.22 3.89
CA ALA A 87 -7.06 4.68 3.87
C ALA A 87 -7.90 3.96 4.91
N ALA A 88 -7.62 2.65 5.11
CA ALA A 88 -8.38 1.80 5.99
C ALA A 88 -8.01 1.98 7.46
N VAL A 89 -6.78 2.46 7.74
CA VAL A 89 -6.25 2.47 9.10
C VAL A 89 -5.89 3.91 9.48
N PRO A 90 -6.67 4.61 10.33
CA PRO A 90 -6.52 6.05 10.51
C PRO A 90 -5.41 6.47 11.48
N ARG A 91 -4.25 5.86 11.32
CA ARG A 91 -3.06 6.17 12.10
C ARG A 91 -2.27 7.29 11.43
N ASP A 92 -1.60 8.09 12.26
CA ASP A 92 -0.87 9.27 11.82
C ASP A 92 0.61 9.00 11.56
N ASP A 93 1.02 7.71 11.54
CA ASP A 93 2.40 7.33 11.26
C ASP A 93 2.46 6.49 9.97
N LEU A 94 1.43 6.61 9.12
CA LEU A 94 1.38 5.87 7.87
C LEU A 94 1.47 6.83 6.70
N TYR A 95 2.37 6.52 5.77
CA TYR A 95 2.67 7.33 4.61
C TYR A 95 2.60 6.43 3.38
N PHE A 96 2.10 6.99 2.27
CA PHE A 96 2.00 6.19 1.05
C PHE A 96 2.60 6.95 -0.12
N PRO A 97 3.04 6.26 -1.18
CA PRO A 97 3.57 6.95 -2.34
C PRO A 97 2.51 7.79 -3.02
N LEU A 98 2.86 9.03 -3.35
CA LEU A 98 1.94 9.97 -3.97
C LEU A 98 2.55 10.53 -5.25
N ASP A 99 1.74 10.63 -6.30
CA ASP A 99 2.15 11.18 -7.58
C ASP A 99 3.23 10.28 -8.19
N GLU A 100 2.77 9.13 -8.69
CA GLU A 100 3.65 8.10 -9.20
C GLU A 100 4.39 8.61 -10.44
N VAL A 101 5.66 8.24 -10.53
CA VAL A 101 6.54 8.53 -11.63
C VAL A 101 6.73 7.22 -12.39
N ARG A 102 6.44 7.24 -13.70
CA ARG A 102 6.54 6.05 -14.51
C ARG A 102 7.59 6.23 -15.59
N ASP A 103 8.16 5.10 -16.02
CA ASP A 103 9.01 5.09 -17.20
C ASP A 103 8.11 5.00 -18.44
N ALA A 104 8.74 4.91 -19.61
CA ALA A 104 8.00 4.99 -20.86
C ALA A 104 7.10 3.76 -21.05
N THR A 105 7.43 2.65 -20.39
CA THR A 105 6.65 1.41 -20.49
C THR A 105 5.43 1.46 -19.56
N GLY A 106 5.35 2.49 -18.71
CA GLY A 106 4.27 2.61 -17.74
C GLY A 106 4.62 2.06 -16.35
N ARG A 107 5.84 1.50 -16.19
CA ARG A 107 6.24 0.94 -14.92
C ARG A 107 6.55 2.07 -13.94
N ILE A 108 6.07 1.91 -12.70
CA ILE A 108 6.33 2.88 -11.65
C ILE A 108 7.79 2.75 -11.22
N ILE A 109 8.52 3.87 -11.26
CA ILE A 109 9.90 3.89 -10.82
C ILE A 109 10.10 4.76 -9.59
N GLY A 110 9.08 5.48 -9.15
CA GLY A 110 9.22 6.39 -8.05
C GLY A 110 7.93 7.16 -7.82
N CYS A 111 8.02 8.17 -6.98
CA CYS A 111 6.91 9.06 -6.68
C CYS A 111 7.48 10.46 -6.43
N ARG A 112 6.62 11.48 -6.47
CA ARG A 112 7.05 12.86 -6.29
C ARG A 112 6.89 13.30 -4.84
N ALA A 113 6.11 12.56 -4.05
CA ALA A 113 5.86 12.94 -2.66
C ALA A 113 5.39 11.70 -1.93
N LEU A 114 5.29 11.84 -0.60
CA LEU A 114 4.50 10.91 0.17
C LEU A 114 3.18 11.58 0.52
N GLY A 115 2.15 10.75 0.70
CA GLY A 115 0.86 11.22 1.16
C GLY A 115 0.56 10.72 2.55
N GLN A 116 -0.28 11.46 3.25
CA GLN A 116 -0.86 11.07 4.52
C GLN A 116 -2.31 11.48 4.54
N PHE A 117 -3.20 10.57 4.92
CA PHE A 117 -4.62 10.92 4.98
C PHE A 117 -4.87 11.81 6.19
N ASP A 118 -5.65 12.87 5.96
CA ASP A 118 -5.99 13.84 6.99
C ASP A 118 -7.13 13.29 7.83
N HIS A 119 -6.89 13.17 9.14
CA HIS A 119 -7.91 12.72 10.07
C HIS A 119 -8.27 13.87 11.02
#